data_2XB7
#
_entry.id   2XB7
#
_cell.length_a   51.781
_cell.length_b   57.307
_cell.length_c   105.157
_cell.angle_alpha   90.00
_cell.angle_beta   90.00
_cell.angle_gamma   90.00
#
_symmetry.space_group_name_H-M   'P 21 21 21'
#
loop_
_entity.id
_entity.type
_entity.pdbx_description
1 polymer 'ALK TYROSINE KINASE RECEPTOR'
2 non-polymer "5-CHLORO-N-[2-METHOXY-4-[4-(4-METHYLPIPERAZIN-1-YL)PIPERIDIN-1-YL]PHENYL]-N'-(2-PROPAN-2-YLSULFONYLPHENYL)PYRIMIDINE-2,4-DIAMINE"
3 water water
#
_entity_poly.entity_id   1
_entity_poly.type   'polypeptide(L)'
_entity_poly.pdbx_seq_one_letter_code
;GPNYCFAGKTSSISDLKEVPRKNITLIRGLGHGAFGEVYEGQVSGMPNDPSPLQVAVKTLPEVCSEQDELDFLMEALIIS
KFNHQNIVRCIGVSLQSLPRFILLELMAGGDLKSFLRETRPRPSQPSSLAMLDLLHVARDIACGCQYLEENHFIHRDIAA
RNCLLTCPGPGRVAKIGDFGMARDIYRASYYRKGGCAMLPVKWMPPEAFMEGIFTSKTDTWSFGVLLWEIFSLGYMPYPS
KSNQEVLEFVTSGGRMDPPKNCPGPVYRIMTQCWQHQPEDRPNFAIILERIEYCTQDPDVINTALPIEYGPLVEE
;
_entity_poly.pdbx_strand_id   A
#
# COMPACT_ATOMS: atom_id res chain seq x y z
N ASN A 3 23.43 -8.19 -1.16
CA ASN A 3 22.72 -9.43 -0.76
C ASN A 3 21.46 -9.64 -1.61
N TYR A 4 20.85 -8.55 -2.09
CA TYR A 4 19.51 -8.62 -2.67
C TYR A 4 19.50 -8.67 -4.19
N CYS A 5 18.58 -9.46 -4.75
CA CYS A 5 18.52 -9.70 -6.19
C CYS A 5 17.13 -9.30 -6.73
N PHE A 6 17.08 -8.57 -7.84
CA PHE A 6 15.80 -8.14 -8.43
C PHE A 6 15.93 -7.72 -9.89
N ALA A 7 14.91 -8.01 -10.69
CA ALA A 7 14.91 -7.65 -12.11
C ALA A 7 16.08 -8.32 -12.85
N GLY A 8 16.64 -9.34 -12.22
CA GLY A 8 17.83 -10.00 -12.73
C GLY A 8 19.02 -9.58 -11.91
N LYS A 9 19.33 -8.28 -11.98
CA LYS A 9 20.47 -7.71 -11.28
C LYS A 9 20.52 -8.06 -9.79
N THR A 10 21.74 -8.15 -9.28
CA THR A 10 21.99 -8.45 -7.89
C THR A 10 22.61 -7.16 -7.37
N SER A 11 22.24 -6.75 -6.16
CA SER A 11 22.80 -5.53 -5.62
C SER A 11 23.10 -5.68 -4.15
N SER A 12 23.79 -4.68 -3.61
CA SER A 12 24.22 -4.67 -2.22
C SER A 12 24.27 -3.22 -1.74
N ILE A 13 24.45 -3.07 -0.43
CA ILE A 13 24.59 -1.76 0.21
C ILE A 13 25.50 -0.79 -0.53
N SER A 14 26.58 -1.31 -1.10
CA SER A 14 27.50 -0.48 -1.89
C SER A 14 26.73 0.28 -2.96
N ASP A 15 25.56 -0.22 -3.30
CA ASP A 15 24.79 0.29 -4.44
C ASP A 15 23.75 1.36 -4.07
N LEU A 16 23.69 1.75 -2.81
CA LEU A 16 22.76 2.78 -2.38
C LEU A 16 23.44 4.16 -2.44
N LYS A 17 22.68 5.18 -2.80
CA LYS A 17 23.20 6.54 -2.81
C LYS A 17 23.35 7.00 -1.37
N GLU A 18 24.60 7.09 -0.89
CA GLU A 18 24.83 7.66 0.43
C GLU A 18 24.74 9.19 0.33
N VAL A 19 23.78 9.79 1.01
CA VAL A 19 23.68 11.26 1.06
C VAL A 19 24.45 11.78 2.29
N PRO A 20 25.32 12.80 2.12
CA PRO A 20 26.13 13.23 3.27
C PRO A 20 25.24 13.74 4.38
N ARG A 21 25.44 13.27 5.61
CA ARG A 21 24.51 13.61 6.67
C ARG A 21 24.29 15.11 6.81
N LYS A 22 25.34 15.91 6.62
CA LYS A 22 25.22 17.35 6.78
C LYS A 22 24.22 17.96 5.81
N ASN A 23 23.92 17.24 4.73
CA ASN A 23 22.96 17.74 3.75
C ASN A 23 21.53 17.40 4.11
N ILE A 24 21.33 16.86 5.30
CA ILE A 24 20.01 16.39 5.71
C ILE A 24 19.44 17.08 6.94
N THR A 25 18.40 17.89 6.73
CA THR A 25 17.69 18.52 7.83
C THR A 25 16.35 17.83 8.13
N LEU A 26 16.14 17.44 9.38
CA LEU A 26 14.81 17.01 9.83
C LEU A 26 13.93 18.24 10.16
N ILE A 27 12.64 18.10 9.93
CA ILE A 27 11.72 19.23 10.02
C ILE A 27 10.62 18.99 11.05
N ARG A 28 9.83 17.94 10.86
CA ARG A 28 8.88 17.54 11.88
C ARG A 28 8.68 16.04 11.75
N GLY A 29 8.20 15.38 12.80
CA GLY A 29 7.86 13.98 12.71
C GLY A 29 6.48 13.73 12.11
N LEU A 30 6.31 12.60 11.41
CA LEU A 30 5.11 12.30 10.65
C LEU A 30 4.32 11.12 11.24
N GLY A 31 4.89 10.45 12.23
CA GLY A 31 4.34 9.17 12.63
C GLY A 31 5.43 8.12 12.71
N HIS A 32 5.09 6.90 13.09
CA HIS A 32 6.10 5.88 13.31
C HIS A 32 5.88 4.71 12.39
N GLY A 33 6.98 4.22 11.83
CA GLY A 33 6.94 3.03 11.00
C GLY A 33 7.42 1.84 11.77
N ALA A 34 7.98 0.86 11.07
CA ALA A 34 8.35 -0.41 11.67
C ALA A 34 9.37 -0.19 12.77
N PHE A 35 10.44 0.53 12.44
CA PHE A 35 11.57 0.61 13.35
C PHE A 35 11.71 1.96 14.03
N GLY A 36 10.86 2.91 13.70
CA GLY A 36 10.93 4.18 14.41
C GLY A 36 10.07 5.29 13.86
N GLU A 37 10.21 6.48 14.43
CA GLU A 37 9.52 7.65 13.91
C GLU A 37 10.06 7.99 12.52
N VAL A 38 9.16 8.38 11.63
CA VAL A 38 9.53 8.87 10.31
C VAL A 38 9.40 10.37 10.38
N TYR A 39 10.31 11.11 9.74
CA TYR A 39 10.24 12.56 9.76
C TYR A 39 9.98 13.15 8.39
N GLU A 40 9.56 14.39 8.34
CA GLU A 40 9.64 15.15 7.10
C GLU A 40 10.98 15.85 7.15
N GLY A 41 11.64 15.97 6.00
CA GLY A 41 13.01 16.43 6.00
C GLY A 41 13.43 17.01 4.67
N GLN A 42 14.71 17.37 4.57
CA GLN A 42 15.23 18.01 3.37
C GLN A 42 16.64 17.57 3.03
N VAL A 43 16.99 17.74 1.77
CA VAL A 43 18.33 17.43 1.29
C VAL A 43 18.79 18.55 0.36
N SER A 44 20.10 18.82 0.34
CA SER A 44 20.68 19.76 -0.62
C SER A 44 22.05 19.27 -1.06
N PRO A 52 16.19 22.55 -3.62
CA PRO A 52 16.25 21.90 -2.30
C PRO A 52 15.17 20.82 -2.18
N LEU A 53 15.57 19.64 -1.72
CA LEU A 53 14.80 18.41 -1.92
C LEU A 53 13.99 18.00 -0.68
N GLN A 54 12.69 17.75 -0.87
CA GLN A 54 11.82 17.36 0.24
C GLN A 54 11.63 15.85 0.27
N VAL A 55 11.80 15.27 1.46
CA VAL A 55 11.87 13.83 1.61
C VAL A 55 11.13 13.37 2.85
N ALA A 56 10.85 12.08 2.92
CA ALA A 56 10.55 11.43 4.21
C ALA A 56 11.79 10.66 4.67
N VAL A 57 11.94 10.55 5.97
CA VAL A 57 13.18 10.01 6.51
C VAL A 57 12.79 8.88 7.44
N LYS A 58 12.95 7.65 7.01
CA LYS A 58 12.79 6.57 7.97
C LYS A 58 14.08 6.55 8.78
N THR A 59 13.98 6.31 10.07
CA THR A 59 15.15 6.27 10.93
C THR A 59 15.20 4.96 11.68
N LEU A 60 16.41 4.54 12.00
CA LEU A 60 16.65 3.32 12.74
C LEU A 60 17.17 3.76 14.10
N PRO A 61 16.55 3.24 15.17
CA PRO A 61 16.99 3.57 16.53
C PRO A 61 18.38 3.03 16.77
N GLU A 62 19.24 3.88 17.35
CA GLU A 62 20.64 3.51 17.58
C GLU A 62 20.81 2.25 18.41
N VAL A 63 19.89 2.03 19.32
CA VAL A 63 19.89 0.84 20.17
C VAL A 63 18.90 -0.17 19.60
N CYS A 64 19.42 -1.12 18.84
CA CYS A 64 18.58 -2.06 18.10
C CYS A 64 19.43 -3.30 17.85
N SER A 65 18.80 -4.38 17.38
CA SER A 65 19.51 -5.64 17.19
C SER A 65 20.21 -5.66 15.84
N GLU A 66 21.06 -6.66 15.65
CA GLU A 66 21.66 -6.94 14.35
C GLU A 66 20.57 -7.16 13.30
N GLN A 67 19.57 -7.95 13.64
CA GLN A 67 18.53 -8.25 12.67
C GLN A 67 17.80 -6.97 12.29
N ASP A 68 17.63 -6.08 13.28
CA ASP A 68 17.08 -4.77 13.02
C ASP A 68 17.92 -4.02 11.97
N GLU A 69 19.23 -3.98 12.17
CA GLU A 69 20.16 -3.40 11.21
C GLU A 69 19.94 -3.95 9.80
N LEU A 70 19.79 -5.27 9.68
CA LEU A 70 19.69 -5.90 8.36
C LEU A 70 18.31 -5.71 7.71
N ASP A 71 17.24 -5.80 8.50
CA ASP A 71 15.89 -5.55 7.97
C ASP A 71 15.86 -4.15 7.36
N PHE A 72 16.42 -3.20 8.10
CA PHE A 72 16.49 -1.80 7.71
C PHE A 72 17.27 -1.61 6.41
N LEU A 73 18.47 -2.15 6.35
CA LEU A 73 19.23 -2.14 5.11
C LEU A 73 18.44 -2.80 3.98
N MET A 74 17.79 -3.92 4.28
CA MET A 74 17.15 -4.65 3.21
C MET A 74 16.01 -3.83 2.61
N GLU A 75 15.26 -3.14 3.46
CA GLU A 75 14.17 -2.27 2.99
C GLU A 75 14.68 -1.23 2.00
N ALA A 76 15.88 -0.71 2.23
CA ALA A 76 16.51 0.23 1.31
C ALA A 76 16.88 -0.39 -0.04
N LEU A 77 17.55 -1.55 -0.02
CA LEU A 77 17.88 -2.24 -1.27
C LEU A 77 16.63 -2.52 -2.11
N ILE A 78 15.61 -3.11 -1.50
CA ILE A 78 14.39 -3.46 -2.22
C ILE A 78 13.78 -2.22 -2.84
N ILE A 79 13.48 -1.24 -2.00
CA ILE A 79 12.76 -0.09 -2.52
C ILE A 79 13.63 0.70 -3.49
N SER A 80 14.94 0.56 -3.39
CA SER A 80 15.86 1.24 -4.32
C SER A 80 15.93 0.62 -5.71
N LYS A 81 15.58 -0.66 -5.86
CA LYS A 81 15.66 -1.28 -7.18
C LYS A 81 14.39 -1.15 -8.00
N PHE A 82 13.30 -0.66 -7.40
CA PHE A 82 12.07 -0.47 -8.18
C PHE A 82 12.15 0.77 -9.05
N ASN A 83 11.59 0.68 -10.24
CA ASN A 83 11.44 1.85 -11.07
C ASN A 83 10.04 1.91 -11.63
N HIS A 84 9.12 2.46 -10.84
CA HIS A 84 7.74 2.60 -11.28
C HIS A 84 7.06 3.77 -10.62
N GLN A 85 6.20 4.46 -11.36
CA GLN A 85 5.67 5.71 -10.83
C GLN A 85 4.59 5.52 -9.75
N ASN A 86 4.17 4.27 -9.50
CA ASN A 86 3.21 4.00 -8.44
C ASN A 86 3.86 3.27 -7.31
N ILE A 87 5.18 3.33 -7.27
CA ILE A 87 5.98 2.87 -6.16
C ILE A 87 6.91 3.99 -5.69
N VAL A 88 6.81 4.33 -4.41
CA VAL A 88 7.55 5.44 -3.84
C VAL A 88 9.04 5.37 -4.20
N ARG A 89 9.63 6.53 -4.47
CA ARG A 89 11.02 6.61 -4.92
C ARG A 89 11.91 6.60 -3.69
N CYS A 90 13.14 6.13 -3.84
CA CYS A 90 14.13 6.27 -2.79
C CYS A 90 15.11 7.32 -3.27
N ILE A 91 15.22 8.42 -2.53
CA ILE A 91 16.20 9.48 -2.81
C ILE A 91 17.63 9.03 -2.48
N GLY A 92 17.78 8.33 -1.35
CA GLY A 92 19.08 7.79 -0.99
C GLY A 92 19.05 7.27 0.43
N VAL A 93 20.22 7.01 0.99
CA VAL A 93 20.33 6.61 2.38
C VAL A 93 21.35 7.47 3.11
N SER A 94 21.28 7.47 4.43
CA SER A 94 22.40 7.96 5.22
C SER A 94 22.74 6.88 6.26
N LEU A 95 23.61 5.95 5.90
CA LEU A 95 23.83 4.78 6.74
C LEU A 95 25.17 4.85 7.47
N GLN A 96 25.99 5.84 7.14
CA GLN A 96 27.29 5.94 7.79
C GLN A 96 27.34 6.94 8.95
N SER A 97 26.21 7.54 9.29
CA SER A 97 26.06 8.28 10.54
C SER A 97 24.87 7.74 11.33
N LEU A 98 24.98 7.79 12.66
CA LEU A 98 23.92 7.29 13.54
C LEU A 98 23.10 8.44 14.11
N PRO A 99 21.76 8.29 14.17
CA PRO A 99 20.97 7.13 13.72
C PRO A 99 20.89 7.02 12.20
N ARG A 100 20.56 5.84 11.68
CA ARG A 100 20.57 5.63 10.23
C ARG A 100 19.36 6.22 9.52
N PHE A 101 19.55 6.63 8.28
CA PHE A 101 18.45 7.26 7.55
C PHE A 101 18.21 6.50 6.27
N ILE A 102 16.94 6.38 5.91
CA ILE A 102 16.55 6.07 4.55
C ILE A 102 15.69 7.24 4.07
N LEU A 103 16.06 7.79 2.93
CA LEU A 103 15.39 8.95 2.38
C LEU A 103 14.42 8.49 1.31
N LEU A 104 13.16 8.87 1.44
CA LEU A 104 12.15 8.48 0.45
C LEU A 104 11.36 9.65 -0.08
N GLU A 105 10.74 9.45 -1.24
CA GLU A 105 9.86 10.43 -1.83
C GLU A 105 8.85 10.85 -0.76
N LEU A 106 8.61 12.14 -0.63
CA LEU A 106 7.65 12.62 0.37
C LEU A 106 6.26 12.65 -0.22
N MET A 107 5.31 12.07 0.51
CA MET A 107 3.98 11.93 -0.02
C MET A 107 3.03 12.81 0.76
N ALA A 108 2.88 14.04 0.29
CA ALA A 108 2.18 15.10 1.00
C ALA A 108 0.75 14.72 1.42
N GLY A 109 0.10 13.87 0.63
CA GLY A 109 -1.24 13.45 0.98
C GLY A 109 -1.33 12.47 2.14
N GLY A 110 -0.18 12.03 2.65
CA GLY A 110 -0.21 11.08 3.75
C GLY A 110 -0.57 9.69 3.28
N ASP A 111 -0.79 8.76 4.23
CA ASP A 111 -1.15 7.40 3.86
C ASP A 111 -2.62 7.31 3.47
N LEU A 112 -2.97 6.23 2.80
CA LEU A 112 -4.28 6.10 2.20
C LEU A 112 -5.40 5.92 3.23
N LYS A 113 -5.13 5.18 4.32
CA LYS A 113 -6.17 4.93 5.31
C LYS A 113 -6.59 6.21 6.04
N SER A 114 -5.62 7.03 6.40
CA SER A 114 -5.93 8.36 6.95
C SER A 114 -6.70 9.18 5.94
N PHE A 115 -6.09 9.40 4.77
CA PHE A 115 -6.72 10.21 3.76
C PHE A 115 -8.21 9.88 3.64
N LEU A 116 -8.52 8.59 3.45
CA LEU A 116 -9.92 8.15 3.29
C LEU A 116 -10.78 8.56 4.46
N ARG A 117 -10.25 8.39 5.66
CA ARG A 117 -11.00 8.71 6.87
C ARG A 117 -11.20 10.21 7.04
N GLU A 118 -10.18 11.00 6.74
CA GLU A 118 -10.26 12.45 6.92
C GLU A 118 -10.94 13.14 5.75
N THR A 119 -11.30 12.37 4.73
CA THR A 119 -11.86 12.97 3.55
C THR A 119 -13.25 12.43 3.24
N ARG A 120 -13.72 11.51 4.08
CA ARG A 120 -15.09 11.04 3.97
C ARG A 120 -15.97 12.25 3.78
N PRO A 121 -16.86 12.21 2.78
CA PRO A 121 -17.82 13.31 2.63
C PRO A 121 -18.64 13.51 3.90
N ARG A 122 -18.64 14.74 4.41
CA ARG A 122 -19.53 15.16 5.50
C ARG A 122 -20.49 16.28 5.07
N PRO A 123 -21.48 16.59 5.91
CA PRO A 123 -22.46 17.62 5.51
C PRO A 123 -21.80 18.95 5.11
N SER A 124 -20.64 19.22 5.70
CA SER A 124 -19.85 20.41 5.36
C SER A 124 -18.92 20.19 4.16
N GLN A 125 -18.22 19.05 4.16
CA GLN A 125 -17.42 18.63 3.01
C GLN A 125 -18.19 17.59 2.21
N PRO A 126 -19.28 18.01 1.54
CA PRO A 126 -20.23 17.07 0.94
C PRO A 126 -19.68 16.42 -0.34
N SER A 127 -18.65 17.06 -0.90
CA SER A 127 -18.10 16.67 -2.20
C SER A 127 -16.58 16.51 -2.13
N SER A 128 -16.08 16.25 -0.93
CA SER A 128 -14.66 15.99 -0.73
C SER A 128 -14.14 14.95 -1.74
N LEU A 129 -14.92 13.90 -1.97
CA LEU A 129 -14.52 12.81 -2.85
C LEU A 129 -15.69 12.33 -3.68
N ALA A 130 -15.39 11.78 -4.84
CA ALA A 130 -16.39 11.04 -5.59
C ALA A 130 -15.90 9.65 -5.89
N MET A 131 -16.78 8.86 -6.47
CA MET A 131 -16.49 7.50 -6.80
C MET A 131 -15.27 7.44 -7.73
N LEU A 132 -15.14 8.39 -8.64
CA LEU A 132 -14.01 8.40 -9.57
C LEU A 132 -12.65 8.68 -8.93
N ASP A 133 -12.61 9.42 -7.81
CA ASP A 133 -11.35 9.54 -7.07
C ASP A 133 -10.92 8.20 -6.55
N LEU A 134 -11.90 7.40 -6.13
CA LEU A 134 -11.63 6.12 -5.53
C LEU A 134 -11.12 5.17 -6.58
N LEU A 135 -11.66 5.27 -7.79
CA LEU A 135 -11.26 4.35 -8.85
C LEU A 135 -9.87 4.68 -9.35
N HIS A 136 -9.46 5.94 -9.26
CA HIS A 136 -8.10 6.30 -9.65
C HIS A 136 -7.06 5.86 -8.64
N VAL A 137 -7.32 6.09 -7.36
CA VAL A 137 -6.52 5.47 -6.32
C VAL A 137 -6.31 3.97 -6.55
N ALA A 138 -7.38 3.24 -6.89
CA ALA A 138 -7.29 1.80 -7.10
C ALA A 138 -6.55 1.45 -8.39
N ARG A 139 -6.78 2.24 -9.44
CA ARG A 139 -6.04 2.08 -10.68
C ARG A 139 -4.55 2.23 -10.41
N ASP A 140 -4.21 3.28 -9.65
CA ASP A 140 -2.82 3.58 -9.35
C ASP A 140 -2.14 2.38 -8.71
N ILE A 141 -2.78 1.83 -7.68
CA ILE A 141 -2.20 0.73 -6.92
C ILE A 141 -2.18 -0.55 -7.75
N ALA A 142 -3.27 -0.87 -8.45
CA ALA A 142 -3.28 -2.06 -9.32
C ALA A 142 -2.14 -1.93 -10.34
N CYS A 143 -1.80 -0.71 -10.70
CA CYS A 143 -0.75 -0.52 -11.69
C CYS A 143 0.62 -0.82 -11.09
N GLY A 144 0.84 -0.34 -9.86
CA GLY A 144 1.99 -0.75 -9.09
C GLY A 144 2.09 -2.26 -8.86
N CYS A 145 1.00 -2.88 -8.40
CA CYS A 145 0.98 -4.32 -8.16
C CYS A 145 1.26 -5.06 -9.46
N GLN A 146 0.90 -4.45 -10.58
CA GLN A 146 1.10 -5.12 -11.85
C GLN A 146 2.57 -5.18 -12.18
N TYR A 147 3.22 -4.03 -12.00
CA TYR A 147 4.65 -3.89 -12.18
C TYR A 147 5.39 -4.91 -11.34
N LEU A 148 4.96 -5.11 -10.09
CA LEU A 148 5.56 -6.12 -9.24
C LEU A 148 5.37 -7.54 -9.77
N GLU A 149 4.15 -7.86 -10.23
CA GLU A 149 3.85 -9.19 -10.74
C GLU A 149 4.67 -9.52 -11.98
N GLU A 150 4.83 -8.58 -12.91
CA GLU A 150 5.57 -8.90 -14.12
C GLU A 150 7.08 -8.87 -13.83
N ASN A 151 7.42 -8.55 -12.59
CA ASN A 151 8.78 -8.68 -12.11
C ASN A 151 8.87 -9.75 -11.02
N HIS A 152 7.82 -10.55 -10.89
CA HIS A 152 7.83 -11.72 -10.01
C HIS A 152 8.17 -11.39 -8.58
N PHE A 153 7.84 -10.18 -8.16
CA PHE A 153 7.99 -9.79 -6.77
C PHE A 153 6.64 -9.93 -6.05
N ILE A 154 6.66 -10.50 -4.85
CA ILE A 154 5.44 -10.72 -4.11
C ILE A 154 5.49 -9.87 -2.87
N HIS A 155 4.45 -9.05 -2.69
CA HIS A 155 4.50 -7.98 -1.69
C HIS A 155 4.06 -8.47 -0.32
N ARG A 156 2.94 -9.20 -0.27
CA ARG A 156 2.51 -9.91 0.94
C ARG A 156 1.71 -9.07 1.91
N ASP A 157 1.71 -7.76 1.73
CA ASP A 157 0.97 -6.88 2.65
C ASP A 157 0.34 -5.68 1.95
N ILE A 158 -0.40 -5.94 0.87
CA ILE A 158 -1.09 -4.90 0.12
C ILE A 158 -2.30 -4.43 0.95
N ALA A 159 -2.20 -3.24 1.52
CA ALA A 159 -3.22 -2.75 2.46
C ALA A 159 -3.23 -1.24 2.48
N ALA A 160 -4.34 -0.67 2.93
CA ALA A 160 -4.52 0.76 2.83
C ALA A 160 -3.42 1.50 3.61
N ARG A 161 -3.03 0.95 4.76
CA ARG A 161 -2.02 1.58 5.62
C ARG A 161 -0.64 1.63 4.96
N ASN A 162 -0.44 0.82 3.91
CA ASN A 162 0.86 0.76 3.23
C ASN A 162 0.90 1.56 1.93
N CYS A 163 -0.18 2.27 1.62
CA CYS A 163 -0.27 3.12 0.44
C CYS A 163 -0.25 4.59 0.83
N LEU A 164 0.19 5.44 -0.10
CA LEU A 164 0.40 6.87 0.18
C LEU A 164 -0.07 7.71 -1.00
N LEU A 165 -0.36 8.97 -0.72
CA LEU A 165 -0.79 9.90 -1.76
C LEU A 165 0.20 11.04 -1.87
N THR A 166 0.46 11.48 -3.10
CA THR A 166 1.42 12.58 -3.32
C THR A 166 0.85 13.90 -2.79
N CYS A 167 -0.42 14.17 -3.09
CA CYS A 167 -1.06 15.37 -2.61
C CYS A 167 -2.50 15.09 -2.18
N PRO A 168 -3.07 15.97 -1.34
CA PRO A 168 -4.42 15.82 -0.80
C PRO A 168 -5.49 16.08 -1.86
N GLY A 169 -5.21 17.04 -2.73
CA GLY A 169 -6.22 17.49 -3.68
C GLY A 169 -6.29 16.64 -4.92
N PRO A 170 -7.12 17.00 -5.90
CA PRO A 170 -7.15 16.33 -7.20
C PRO A 170 -5.78 16.36 -7.89
N GLY A 171 -5.52 15.38 -8.73
CA GLY A 171 -4.17 15.19 -9.24
C GLY A 171 -3.34 14.28 -8.36
N ARG A 172 -3.90 13.83 -7.24
CA ARG A 172 -3.19 12.94 -6.30
C ARG A 172 -2.83 11.62 -6.95
N VAL A 173 -1.62 11.14 -6.74
CA VAL A 173 -1.24 9.84 -7.26
C VAL A 173 -0.97 8.94 -6.08
N ALA A 174 -1.53 7.73 -6.11
CA ALA A 174 -1.32 6.77 -5.02
C ALA A 174 -0.20 5.80 -5.37
N LYS A 175 0.54 5.38 -4.35
CA LYS A 175 1.74 4.57 -4.49
C LYS A 175 1.91 3.61 -3.31
N ILE A 176 2.52 2.46 -3.58
CA ILE A 176 2.84 1.48 -2.54
C ILE A 176 4.07 2.02 -1.88
N GLY A 177 4.05 2.07 -0.56
CA GLY A 177 4.98 2.94 0.15
C GLY A 177 5.69 2.27 1.32
N ASP A 178 5.38 1.00 1.55
CA ASP A 178 6.12 0.19 2.50
C ASP A 178 6.30 -1.25 1.99
N PHE A 179 7.45 -1.83 2.26
CA PHE A 179 7.76 -3.18 1.82
C PHE A 179 8.31 -4.01 2.98
N GLY A 180 7.67 -3.87 4.15
CA GLY A 180 8.16 -4.50 5.37
C GLY A 180 7.99 -6.01 5.43
N MET A 181 6.87 -6.51 4.92
CA MET A 181 6.66 -7.95 4.77
C MET A 181 7.57 -8.58 3.74
N ALA A 182 7.56 -8.02 2.53
CA ALA A 182 8.21 -8.63 1.37
C ALA A 182 9.61 -9.12 1.70
N ALA A 197 0.24 -13.46 15.29
CA ALA A 197 -0.61 -12.47 15.93
C ALA A 197 -0.30 -11.05 15.50
N MET A 198 0.85 -10.87 14.87
CA MET A 198 1.19 -9.62 14.21
C MET A 198 0.89 -9.80 12.72
N LEU A 199 0.49 -11.00 12.35
CA LEU A 199 0.24 -11.30 10.94
C LEU A 199 -1.06 -10.65 10.47
N PRO A 200 -1.04 -10.04 9.27
CA PRO A 200 -2.21 -9.34 8.74
C PRO A 200 -3.26 -10.29 8.16
N VAL A 201 -3.70 -11.22 9.00
CA VAL A 201 -4.68 -12.24 8.63
C VAL A 201 -5.82 -11.74 7.74
N LYS A 202 -6.32 -10.54 8.05
CA LYS A 202 -7.50 -9.98 7.39
C LYS A 202 -7.24 -9.57 5.94
N TRP A 203 -5.99 -9.64 5.51
CA TRP A 203 -5.64 -9.32 4.14
C TRP A 203 -5.19 -10.57 3.35
N MET A 204 -5.23 -11.74 3.98
CA MET A 204 -4.62 -12.95 3.40
C MET A 204 -5.59 -14.01 2.93
N PRO A 205 -5.25 -14.66 1.81
CA PRO A 205 -6.00 -15.79 1.23
C PRO A 205 -5.74 -17.08 2.01
N PRO A 206 -6.69 -18.04 1.94
CA PRO A 206 -6.60 -19.27 2.72
C PRO A 206 -5.26 -19.94 2.58
N GLU A 207 -4.81 -20.16 1.35
CA GLU A 207 -3.60 -20.94 1.18
C GLU A 207 -2.38 -20.21 1.75
N ALA A 208 -2.55 -18.94 2.11
CA ALA A 208 -1.43 -18.20 2.68
C ALA A 208 -1.36 -18.37 4.18
N PHE A 209 -2.46 -18.16 4.89
CA PHE A 209 -2.38 -18.34 6.33
C PHE A 209 -2.51 -19.80 6.78
N MET A 210 -2.83 -20.71 5.86
CA MET A 210 -2.89 -22.13 6.22
C MET A 210 -1.61 -22.87 5.81
N GLU A 211 -1.27 -22.79 4.53
CA GLU A 211 -0.12 -23.49 4.01
C GLU A 211 1.12 -22.59 3.93
N GLY A 212 0.96 -21.32 4.26
CA GLY A 212 2.08 -20.40 4.10
C GLY A 212 2.57 -20.31 2.68
N ILE A 213 1.69 -20.56 1.71
CA ILE A 213 2.07 -20.43 0.31
C ILE A 213 1.78 -19.04 -0.24
N PHE A 214 2.78 -18.42 -0.85
CA PHE A 214 2.61 -17.13 -1.52
C PHE A 214 3.00 -17.20 -3.00
N THR A 215 2.23 -16.51 -3.83
CA THR A 215 2.45 -16.42 -5.27
C THR A 215 1.87 -15.06 -5.56
N SER A 216 1.80 -14.63 -6.82
CA SER A 216 1.19 -13.35 -7.08
C SER A 216 -0.33 -13.40 -6.95
N LYS A 217 -0.88 -14.60 -6.84
CA LYS A 217 -2.32 -14.70 -6.68
C LYS A 217 -2.71 -14.34 -5.26
N THR A 218 -1.71 -14.15 -4.40
CA THR A 218 -2.04 -13.78 -3.05
C THR A 218 -2.06 -12.26 -2.92
N ASP A 219 -1.22 -11.55 -3.66
CA ASP A 219 -1.38 -10.12 -3.75
C ASP A 219 -2.71 -9.74 -4.42
N THR A 220 -3.18 -10.58 -5.33
CA THR A 220 -4.49 -10.39 -5.91
C THR A 220 -5.60 -10.39 -4.87
N TRP A 221 -5.59 -11.38 -3.97
CA TRP A 221 -6.54 -11.42 -2.85
C TRP A 221 -6.44 -10.18 -1.96
N SER A 222 -5.22 -9.84 -1.55
CA SER A 222 -4.98 -8.66 -0.73
C SER A 222 -5.55 -7.42 -1.40
N PHE A 223 -5.23 -7.24 -2.69
CA PHE A 223 -5.74 -6.09 -3.42
C PHE A 223 -7.27 -5.97 -3.32
N GLY A 224 -7.95 -7.10 -3.53
CA GLY A 224 -9.39 -7.17 -3.30
C GLY A 224 -9.83 -6.60 -1.96
N VAL A 225 -9.10 -6.91 -0.89
CA VAL A 225 -9.40 -6.35 0.41
C VAL A 225 -9.10 -4.84 0.47
N LEU A 226 -8.00 -4.42 -0.17
CA LEU A 226 -7.67 -3.00 -0.26
C LEU A 226 -8.80 -2.26 -0.95
N LEU A 227 -9.37 -2.88 -1.98
CA LEU A 227 -10.43 -2.27 -2.77
C LEU A 227 -11.62 -2.04 -1.84
N TRP A 228 -11.88 -2.99 -0.93
CA TRP A 228 -12.96 -2.80 0.02
C TRP A 228 -12.65 -1.63 0.97
N GLU A 229 -11.43 -1.59 1.49
CA GLU A 229 -10.99 -0.45 2.30
C GLU A 229 -11.23 0.84 1.54
N ILE A 230 -10.71 0.94 0.32
CA ILE A 230 -10.91 2.13 -0.48
C ILE A 230 -12.41 2.50 -0.60
N PHE A 231 -13.25 1.55 -0.99
CA PHE A 231 -14.65 1.89 -1.22
C PHE A 231 -15.55 1.97 0.02
N SER A 232 -15.10 1.47 1.17
CA SER A 232 -15.80 1.80 2.40
C SER A 232 -15.33 3.14 3.00
N LEU A 233 -14.23 3.67 2.48
CA LEU A 233 -13.60 4.91 2.96
C LEU A 233 -12.82 4.73 4.26
N GLY A 234 -12.05 3.65 4.32
CA GLY A 234 -11.09 3.50 5.40
C GLY A 234 -11.59 2.68 6.57
N TYR A 235 -12.63 1.88 6.39
CA TYR A 235 -13.07 0.96 7.44
C TYR A 235 -12.10 -0.19 7.56
N MET A 236 -12.03 -0.74 8.76
CA MET A 236 -11.28 -1.95 9.04
C MET A 236 -12.05 -3.11 8.38
N PRO A 237 -11.36 -3.94 7.58
CA PRO A 237 -12.01 -5.12 7.02
C PRO A 237 -12.66 -6.05 8.03
N TYR A 238 -13.68 -6.78 7.57
CA TYR A 238 -14.54 -7.62 8.41
C TYR A 238 -14.82 -6.93 9.72
N PRO A 239 -15.55 -5.82 9.68
CA PRO A 239 -15.76 -5.07 10.93
C PRO A 239 -16.40 -6.01 11.97
N SER A 240 -15.87 -6.00 13.20
CA SER A 240 -16.40 -6.80 14.31
C SER A 240 -15.79 -8.18 14.50
N LYS A 241 -14.94 -8.59 13.58
CA LYS A 241 -14.35 -9.91 13.67
C LYS A 241 -12.91 -9.84 14.15
N SER A 242 -12.56 -10.75 15.03
CA SER A 242 -11.17 -10.92 15.41
C SER A 242 -10.43 -11.65 14.29
N ASN A 243 -9.10 -11.70 14.42
CA ASN A 243 -8.28 -12.45 13.47
C ASN A 243 -8.75 -13.90 13.28
N GLN A 244 -8.94 -14.64 14.36
CA GLN A 244 -9.32 -16.05 14.24
C GLN A 244 -10.74 -16.25 13.66
N GLU A 245 -11.66 -15.35 13.97
CA GLU A 245 -13.00 -15.43 13.39
C GLU A 245 -12.95 -15.20 11.89
N VAL A 246 -12.04 -14.32 11.46
CA VAL A 246 -11.91 -14.00 10.04
C VAL A 246 -11.34 -15.19 9.30
N LEU A 247 -10.31 -15.78 9.89
CA LEU A 247 -9.68 -16.97 9.36
C LEU A 247 -10.68 -18.11 9.13
N GLU A 248 -11.62 -18.28 10.06
CA GLU A 248 -12.60 -19.36 9.98
C GLU A 248 -13.75 -19.00 9.06
N PHE A 249 -14.16 -17.74 9.15
CA PHE A 249 -15.15 -17.18 8.23
C PHE A 249 -14.66 -17.36 6.80
N VAL A 250 -13.44 -16.92 6.53
CA VAL A 250 -12.91 -16.89 5.17
C VAL A 250 -12.65 -18.28 4.60
N THR A 251 -12.23 -19.21 5.44
CA THR A 251 -11.97 -20.57 4.97
C THR A 251 -13.28 -21.38 4.83
N SER A 252 -14.33 -20.95 5.50
CA SER A 252 -15.66 -21.54 5.32
C SER A 252 -16.38 -21.00 4.09
N GLY A 253 -15.69 -20.16 3.31
CA GLY A 253 -16.34 -19.46 2.21
C GLY A 253 -16.95 -18.09 2.51
N GLY A 254 -16.78 -17.55 3.72
CA GLY A 254 -17.32 -16.24 4.03
C GLY A 254 -16.61 -15.06 3.37
N ARG A 255 -17.37 -14.03 2.99
CA ARG A 255 -16.84 -12.86 2.29
C ARG A 255 -17.57 -11.60 2.74
N MET A 256 -16.86 -10.47 2.85
CA MET A 256 -17.46 -9.20 3.26
C MET A 256 -18.58 -8.78 2.32
N ASP A 257 -19.56 -8.04 2.84
CA ASP A 257 -20.59 -7.46 2.00
C ASP A 257 -20.00 -6.27 1.22
N PRO A 258 -20.73 -5.76 0.24
CA PRO A 258 -20.31 -4.53 -0.46
C PRO A 258 -20.11 -3.40 0.52
N PRO A 259 -19.09 -2.55 0.33
CA PRO A 259 -19.11 -1.39 1.22
C PRO A 259 -20.40 -0.64 0.95
N LYS A 260 -20.75 0.31 1.82
CA LYS A 260 -21.97 1.08 1.60
C LYS A 260 -21.92 1.86 0.28
N ASN A 261 -22.90 1.63 -0.59
CA ASN A 261 -23.09 2.36 -1.85
C ASN A 261 -22.21 1.87 -3.00
N CYS A 262 -21.39 0.87 -2.75
CA CYS A 262 -20.45 0.39 -3.74
C CYS A 262 -21.19 -0.20 -4.94
N PRO A 263 -20.87 0.28 -6.16
CA PRO A 263 -21.48 -0.27 -7.37
C PRO A 263 -21.19 -1.76 -7.61
N GLY A 264 -22.17 -2.48 -8.14
CA GLY A 264 -22.01 -3.89 -8.39
C GLY A 264 -20.73 -4.24 -9.10
N PRO A 265 -20.37 -3.50 -10.16
CA PRO A 265 -19.18 -3.85 -10.95
C PRO A 265 -17.87 -3.73 -10.15
N VAL A 266 -17.83 -2.79 -9.21
CA VAL A 266 -16.68 -2.64 -8.33
C VAL A 266 -16.67 -3.76 -7.29
N TYR A 267 -17.82 -4.06 -6.71
CA TYR A 267 -17.92 -5.21 -5.81
C TYR A 267 -17.56 -6.48 -6.54
N ARG A 268 -17.95 -6.54 -7.81
CA ARG A 268 -17.70 -7.73 -8.60
C ARG A 268 -16.20 -8.00 -8.75
N ILE A 269 -15.42 -6.93 -8.85
CA ILE A 269 -13.97 -7.09 -8.83
C ILE A 269 -13.46 -7.62 -7.49
N MET A 270 -13.95 -7.07 -6.39
CA MET A 270 -13.63 -7.62 -5.07
C MET A 270 -13.83 -9.13 -4.95
N THR A 271 -15.00 -9.62 -5.35
CA THR A 271 -15.33 -11.04 -5.13
C THR A 271 -14.58 -11.95 -6.08
N GLN A 272 -14.16 -11.42 -7.22
CA GLN A 272 -13.26 -12.15 -8.12
C GLN A 272 -11.87 -12.30 -7.52
N CYS A 273 -11.39 -11.25 -6.84
CA CYS A 273 -10.08 -11.28 -6.21
C CYS A 273 -10.08 -12.28 -5.05
N TRP A 274 -11.27 -12.54 -4.52
CA TRP A 274 -11.40 -13.40 -3.35
C TRP A 274 -11.77 -14.82 -3.69
N GLN A 275 -11.69 -15.20 -4.97
CA GLN A 275 -11.99 -16.58 -5.34
C GLN A 275 -11.11 -17.51 -4.50
N HIS A 276 -11.67 -18.64 -4.07
CA HIS A 276 -10.93 -19.55 -3.20
C HIS A 276 -9.70 -20.13 -3.89
N GLN A 277 -9.87 -20.59 -5.12
CA GLN A 277 -8.75 -21.14 -5.89
C GLN A 277 -7.84 -20.04 -6.44
N PRO A 278 -6.55 -20.08 -6.07
CA PRO A 278 -5.63 -19.11 -6.65
C PRO A 278 -5.77 -19.00 -8.17
N GLU A 279 -5.94 -20.14 -8.85
CA GLU A 279 -6.04 -20.14 -10.31
C GLU A 279 -7.28 -19.42 -10.81
N ASP A 280 -8.29 -19.26 -9.95
CA ASP A 280 -9.53 -18.59 -10.33
C ASP A 280 -9.49 -17.07 -10.13
N ARG A 281 -8.50 -16.58 -9.41
CA ARG A 281 -8.41 -15.13 -9.21
C ARG A 281 -7.73 -14.50 -10.43
N PRO A 282 -8.12 -13.26 -10.77
CA PRO A 282 -7.51 -12.54 -11.90
C PRO A 282 -6.07 -12.12 -11.62
N ASN A 283 -5.28 -11.95 -12.68
CA ASN A 283 -3.97 -11.35 -12.52
C ASN A 283 -4.12 -9.81 -12.67
N PHE A 284 -3.07 -9.04 -12.41
CA PHE A 284 -3.30 -7.62 -12.30
C PHE A 284 -3.54 -6.93 -13.63
N ALA A 285 -3.14 -7.54 -14.73
CA ALA A 285 -3.52 -7.00 -16.01
C ALA A 285 -5.04 -7.09 -16.16
N ILE A 286 -5.62 -8.17 -15.68
CA ILE A 286 -7.06 -8.30 -15.83
C ILE A 286 -7.83 -7.42 -14.86
N ILE A 287 -7.35 -7.33 -13.62
CA ILE A 287 -7.95 -6.44 -12.64
C ILE A 287 -7.92 -5.00 -13.18
N LEU A 288 -6.76 -4.62 -13.68
CA LEU A 288 -6.58 -3.32 -14.30
C LEU A 288 -7.56 -3.03 -15.43
N GLU A 289 -7.79 -3.98 -16.33
CA GLU A 289 -8.77 -3.77 -17.39
C GLU A 289 -10.14 -3.42 -16.80
N ARG A 290 -10.48 -4.06 -15.67
CA ARG A 290 -11.82 -3.99 -15.13
C ARG A 290 -12.02 -2.74 -14.30
N ILE A 291 -10.97 -2.25 -13.67
CA ILE A 291 -11.02 -0.93 -13.07
C ILE A 291 -11.17 0.13 -14.16
N GLU A 292 -10.61 -0.12 -15.34
CA GLU A 292 -10.76 0.84 -16.45
C GLU A 292 -12.20 0.88 -16.94
N TYR A 293 -12.80 -0.30 -17.10
CA TYR A 293 -14.15 -0.37 -17.60
C TYR A 293 -15.10 0.29 -16.59
N CYS A 294 -14.90 0.01 -15.30
CA CYS A 294 -15.67 0.69 -14.25
C CYS A 294 -15.57 2.20 -14.37
N THR A 295 -14.39 2.68 -14.76
CA THR A 295 -14.12 4.10 -14.76
C THR A 295 -14.84 4.75 -15.94
N GLN A 296 -15.18 3.95 -16.93
CA GLN A 296 -15.82 4.43 -18.14
C GLN A 296 -17.33 4.40 -18.03
N ASP A 297 -17.84 3.71 -17.01
CA ASP A 297 -19.25 3.46 -16.88
C ASP A 297 -19.94 4.58 -16.08
N PRO A 298 -20.79 5.37 -16.72
CA PRO A 298 -21.49 6.45 -16.02
C PRO A 298 -22.28 5.92 -14.83
N ASP A 299 -22.88 4.75 -14.97
CA ASP A 299 -23.58 4.16 -13.84
C ASP A 299 -22.70 4.03 -12.60
N VAL A 300 -21.40 3.79 -12.76
CA VAL A 300 -20.55 3.66 -11.61
C VAL A 300 -20.16 5.01 -11.04
N ILE A 301 -19.61 5.89 -11.89
CA ILE A 301 -18.97 7.08 -11.38
C ILE A 301 -19.95 8.22 -11.07
N ASN A 302 -21.21 8.04 -11.49
CA ASN A 302 -22.28 8.93 -11.09
C ASN A 302 -22.95 8.48 -9.78
N THR A 303 -22.33 7.51 -9.12
CA THR A 303 -22.85 7.00 -7.86
C THR A 303 -22.32 7.82 -6.69
N ALA A 304 -23.22 8.18 -5.78
CA ALA A 304 -22.85 9.05 -4.68
C ALA A 304 -22.29 8.25 -3.52
N LEU A 305 -21.25 8.80 -2.90
CA LEU A 305 -20.63 8.22 -1.73
C LEU A 305 -21.49 8.57 -0.54
N PRO A 306 -21.48 7.74 0.50
CA PRO A 306 -22.21 8.04 1.74
C PRO A 306 -21.67 9.32 2.41
N ILE A 307 -22.56 10.29 2.61
CA ILE A 307 -22.20 11.45 3.40
C ILE A 307 -22.38 11.09 4.88
N GLU A 308 -21.25 10.84 5.54
CA GLU A 308 -21.23 10.50 6.96
C GLU A 308 -21.65 11.70 7.83
N TYR A 309 -22.52 11.44 8.79
CA TYR A 309 -23.05 12.51 9.63
C TYR A 309 -22.49 12.40 11.05
#